data_5D2U
#
_entry.id   5D2U
#
_cell.length_a   38.042
_cell.length_b   153.872
_cell.length_c   82.761
_cell.angle_alpha   90.000
_cell.angle_beta   90.000
_cell.angle_gamma   90.000
#
_symmetry.space_group_name_H-M   'C 2 2 21'
#
loop_
_entity.id
_entity.type
_entity.pdbx_description
1 polymer 'Protein serin-threonin phosphatase'
2 non-polymer 'CALCIUM ION'
3 water water
#
_entity_poly.entity_id   1
_entity_poly.type   'polypeptide(L)'
_entity_poly.pdbx_seq_one_letter_code
;GSHMDVAGLTDCGLIRKSNQDAFYIDEKHQRFFIVADGMGGAAGGEEASRLAVDHIRQYLETHLEDLQHDPVTLLRQAFL
AANHAIVEQQRQNSARADMGTTAVVILLDEKGDRAWCAHVGDSRIYRWRKDQLQQITSDHTWIAQAVQLGSLTIEQARQH
PWRHVLSQCLGREDLSQIDIQPIDLEPGDRLLLCSDGLTEELTDDVISIYLSEPNVQKAAAALVDAAKTHGGRDNVTVVV
ISV
;
_entity_poly.pdbx_strand_id   A
#
loop_
_chem_comp.id
_chem_comp.type
_chem_comp.name
_chem_comp.formula
CA non-polymer 'CALCIUM ION' 'Ca 2'
#
# COMPACT_ATOMS: atom_id res chain seq x y z
N MET A 4 -13.85 -14.21 7.73
CA MET A 4 -12.81 -13.48 7.00
C MET A 4 -11.44 -13.57 7.67
N ASP A 5 -10.48 -14.15 6.98
CA ASP A 5 -9.15 -14.37 7.53
C ASP A 5 -8.18 -13.34 6.94
N VAL A 6 -7.13 -13.00 7.69
CA VAL A 6 -6.22 -11.93 7.27
C VAL A 6 -4.83 -12.19 7.84
N ALA A 7 -3.81 -11.99 7.02
CA ALA A 7 -2.41 -12.19 7.45
C ALA A 7 -1.54 -11.07 6.92
N GLY A 8 -0.52 -10.69 7.68
CA GLY A 8 0.34 -9.62 7.24
C GLY A 8 1.76 -9.92 7.62
N LEU A 9 2.69 -9.43 6.84
CA LEU A 9 4.08 -9.78 7.01
C LEU A 9 4.96 -8.73 6.39
N THR A 10 6.08 -8.41 7.04
CA THR A 10 7.07 -7.53 6.43
C THR A 10 8.46 -8.10 6.59
N ASP A 11 9.37 -7.72 5.69
CA ASP A 11 10.72 -8.28 5.66
C ASP A 11 11.69 -7.26 5.07
N CYS A 12 12.91 -7.26 5.56
CA CYS A 12 14.00 -6.42 5.01
C CYS A 12 14.33 -6.67 3.54
N GLY A 13 14.20 -7.92 3.12
CA GLY A 13 14.78 -8.34 1.85
C GLY A 13 16.20 -8.84 2.08
N LEU A 14 17.00 -8.92 1.01
CA LEU A 14 18.35 -9.48 1.13
C LEU A 14 19.43 -8.44 0.90
N ILE A 15 19.02 -7.21 0.64
CA ILE A 15 19.97 -6.15 0.34
C ILE A 15 19.92 -5.06 1.40
N ARG A 16 18.72 -4.51 1.58
CA ARG A 16 18.47 -3.42 2.51
C ARG A 16 18.82 -3.80 3.95
N LYS A 17 19.48 -2.88 4.65
CA LYS A 17 19.95 -3.18 6.00
C LYS A 17 18.87 -2.90 7.04
N SER A 18 17.90 -2.08 6.68
CA SER A 18 16.78 -1.80 7.55
C SER A 18 15.47 -1.77 6.76
N ASN A 19 14.37 -1.96 7.49
CA ASN A 19 13.04 -1.97 6.91
C ASN A 19 12.32 -0.63 7.14
N GLN A 20 12.07 0.11 6.06
CA GLN A 20 11.30 1.37 6.14
C GLN A 20 9.81 1.20 5.72
N ASP A 21 9.38 -0.05 5.58
CA ASP A 21 7.99 -0.35 5.34
C ASP A 21 7.28 -0.40 6.69
N ALA A 22 5.97 -0.29 6.68
CA ALA A 22 5.16 -0.50 7.87
C ALA A 22 3.79 -0.99 7.46
N PHE A 23 3.10 -1.67 8.38
CA PHE A 23 1.72 -2.03 8.08
C PHE A 23 0.87 -2.14 9.34
N TYR A 24 -0.43 -2.12 9.14
CA TYR A 24 -1.37 -2.35 10.23
C TYR A 24 -2.58 -3.13 9.78
N ILE A 25 -2.99 -4.11 10.59
CA ILE A 25 -4.23 -4.81 10.37
C ILE A 25 -5.14 -4.56 11.57
N ASP A 26 -6.38 -4.17 11.32
CA ASP A 26 -7.37 -4.01 12.38
C ASP A 26 -7.82 -5.39 12.83
N GLU A 27 -7.11 -5.94 13.80
CA GLU A 27 -7.37 -7.32 14.20
C GLU A 27 -8.67 -7.47 14.97
N LYS A 28 -9.08 -6.42 15.66
CA LYS A 28 -10.27 -6.52 16.49
C LYS A 28 -11.52 -6.60 15.62
N HIS A 29 -11.64 -5.67 14.67
CA HIS A 29 -12.86 -5.53 13.90
C HIS A 29 -12.70 -5.83 12.41
N GLN A 30 -11.46 -5.96 11.95
CA GLN A 30 -11.18 -6.23 10.54
C GLN A 30 -11.88 -5.28 9.59
N ARG A 31 -11.93 -4.00 9.94
CA ARG A 31 -12.55 -2.98 9.10
C ARG A 31 -11.54 -2.36 8.12
N PHE A 32 -10.27 -2.27 8.50
CA PHE A 32 -9.32 -1.58 7.62
C PHE A 32 -7.92 -2.13 7.75
N PHE A 33 -7.10 -1.84 6.74
CA PHE A 33 -5.81 -2.50 6.53
C PHE A 33 -4.90 -1.49 5.83
N ILE A 34 -3.65 -1.39 6.28
CA ILE A 34 -2.80 -0.29 5.84
C ILE A 34 -1.41 -0.82 5.54
N VAL A 35 -0.82 -0.42 4.41
CA VAL A 35 0.59 -0.67 4.16
C VAL A 35 1.22 0.63 3.72
N ALA A 36 2.43 0.90 4.20
CA ALA A 36 3.14 2.12 3.85
C ALA A 36 4.60 1.81 3.53
N ASP A 37 5.15 2.48 2.52
CA ASP A 37 6.51 2.25 2.06
C ASP A 37 7.28 3.56 2.19
N GLY A 38 8.09 3.67 3.24
CA GLY A 38 8.78 4.93 3.51
C GLY A 38 10.02 5.17 2.69
N MET A 39 10.44 6.42 2.63
CA MET A 39 11.72 6.81 2.00
C MET A 39 12.33 8.04 2.68
N GLY A 40 13.65 8.15 2.60
CA GLY A 40 14.39 9.21 3.28
C GLY A 40 15.39 8.67 4.29
N GLY A 41 16.47 9.41 4.51
CA GLY A 41 17.51 8.95 5.42
C GLY A 41 17.76 9.81 6.63
N ALA A 42 18.32 9.18 7.66
CA ALA A 42 18.83 9.90 8.84
C ALA A 42 18.10 9.72 10.20
N ALA A 43 17.11 8.87 10.46
CA ALA A 43 16.40 7.96 9.55
C ALA A 43 15.07 7.60 10.19
N GLY A 44 13.99 7.54 9.41
CA GLY A 44 14.09 7.74 7.98
C GLY A 44 13.05 8.70 7.45
N GLY A 45 12.10 8.20 6.67
CA GLY A 45 12.10 6.82 6.20
C GLY A 45 11.16 5.91 6.96
N GLU A 46 11.68 5.29 8.02
CA GLU A 46 10.86 4.47 8.88
C GLU A 46 9.95 5.38 9.71
N GLU A 47 10.40 6.62 9.92
CA GLU A 47 9.60 7.61 10.64
C GLU A 47 8.33 7.94 9.85
N ALA A 48 8.50 8.28 8.57
CA ALA A 48 7.40 8.64 7.68
C ALA A 48 6.35 7.53 7.60
N SER A 49 6.79 6.30 7.41
CA SER A 49 5.84 5.21 7.20
C SER A 49 5.17 4.86 8.52
N ARG A 50 5.91 4.94 9.62
CA ARG A 50 5.28 4.75 10.93
C ARG A 50 4.20 5.83 11.19
N LEU A 51 4.52 7.09 10.89
CA LEU A 51 3.58 8.18 11.11
C LEU A 51 2.33 7.97 10.28
N ALA A 52 2.53 7.61 9.01
CA ALA A 52 1.41 7.39 8.12
C ALA A 52 0.48 6.31 8.67
N VAL A 53 1.04 5.18 9.06
CA VAL A 53 0.22 4.07 9.49
C VAL A 53 -0.52 4.45 10.77
N ASP A 54 0.21 5.05 11.71
CA ASP A 54 -0.38 5.42 13.01
C ASP A 54 -1.50 6.46 12.87
N HIS A 55 -1.30 7.47 12.03
CA HIS A 55 -2.28 8.53 11.92
C HIS A 55 -3.49 8.09 11.10
N ILE A 56 -3.26 7.36 10.02
CA ILE A 56 -4.40 6.85 9.27
C ILE A 56 -5.22 5.93 10.19
N ARG A 57 -4.55 5.02 10.90
CA ARG A 57 -5.24 4.12 11.85
C ARG A 57 -6.09 4.90 12.87
N GLN A 58 -5.47 5.87 13.50
CA GLN A 58 -6.13 6.59 14.60
C GLN A 58 -7.27 7.45 14.06
N TYR A 59 -7.06 8.05 12.89
CA TYR A 59 -8.15 8.79 12.27
C TYR A 59 -9.32 7.88 11.92
N LEU A 60 -9.04 6.69 11.38
CA LEU A 60 -10.12 5.77 11.05
C LEU A 60 -10.84 5.30 12.31
N GLU A 61 -10.08 4.94 13.34
CA GLU A 61 -10.65 4.49 14.61
C GLU A 61 -11.62 5.51 15.20
N THR A 62 -11.21 6.76 15.17
CA THR A 62 -11.98 7.86 15.77
C THR A 62 -13.23 8.23 14.99
N HIS A 63 -13.12 8.25 13.67
CA HIS A 63 -14.17 8.80 12.83
C HIS A 63 -15.00 7.79 12.05
N LEU A 64 -14.75 6.49 12.27
CA LEU A 64 -15.45 5.47 11.49
C LEU A 64 -16.96 5.51 11.75
N GLU A 65 -17.36 5.54 13.03
CA GLU A 65 -18.79 5.61 13.38
C GLU A 65 -19.46 6.78 12.65
N ASP A 66 -18.90 7.99 12.80
CA ASP A 66 -19.47 9.20 12.21
C ASP A 66 -19.49 9.20 10.69
N LEU A 67 -18.45 8.66 10.05
CA LEU A 67 -18.23 8.96 8.65
C LEU A 67 -18.29 7.75 7.72
N GLN A 68 -18.63 6.58 8.24
CA GLN A 68 -18.60 5.38 7.41
C GLN A 68 -19.62 5.47 6.28
N HIS A 69 -20.61 6.34 6.42
CA HIS A 69 -21.59 6.57 5.36
C HIS A 69 -20.95 7.34 4.21
N ASP A 70 -19.87 8.06 4.51
CA ASP A 70 -19.16 8.83 3.50
C ASP A 70 -17.67 8.47 3.47
N PRO A 71 -17.35 7.26 3.00
CA PRO A 71 -15.96 6.76 3.06
C PRO A 71 -14.95 7.59 2.26
N VAL A 72 -15.37 8.25 1.18
CA VAL A 72 -14.42 9.04 0.42
C VAL A 72 -13.93 10.20 1.26
N THR A 73 -14.86 10.87 1.95
CA THR A 73 -14.50 11.97 2.83
C THR A 73 -13.63 11.47 3.97
N LEU A 74 -13.99 10.32 4.52
CA LEU A 74 -13.27 9.75 5.67
C LEU A 74 -11.83 9.42 5.33
N LEU A 75 -11.65 8.73 4.21
CA LEU A 75 -10.33 8.33 3.76
C LEU A 75 -9.49 9.53 3.37
N ARG A 76 -10.09 10.52 2.71
CA ARG A 76 -9.32 11.72 2.35
C ARG A 76 -8.78 12.43 3.59
N GLN A 77 -9.63 12.59 4.59
CA GLN A 77 -9.24 13.26 5.81
C GLN A 77 -8.20 12.45 6.61
N ALA A 78 -8.31 11.12 6.56
CA ALA A 78 -7.30 10.26 7.20
C ALA A 78 -5.95 10.48 6.55
N PHE A 79 -5.94 10.52 5.21
CA PHE A 79 -4.68 10.63 4.48
C PHE A 79 -4.07 12.01 4.71
N LEU A 80 -4.90 13.04 4.74
CA LEU A 80 -4.43 14.41 4.98
C LEU A 80 -3.93 14.57 6.41
N ALA A 81 -4.56 13.87 7.34
CA ALA A 81 -4.09 13.88 8.72
C ALA A 81 -2.68 13.31 8.79
N ALA A 82 -2.47 12.17 8.14
CA ALA A 82 -1.15 11.57 7.99
C ALA A 82 -0.19 12.52 7.30
N ASN A 83 -0.60 13.09 6.17
CA ASN A 83 0.28 13.98 5.43
C ASN A 83 0.76 15.16 6.28
N HIS A 84 -0.15 15.73 7.06
CA HIS A 84 0.23 16.89 7.87
C HIS A 84 1.16 16.51 8.99
N ALA A 85 0.91 15.37 9.61
CA ALA A 85 1.78 14.89 10.67
C ALA A 85 3.23 14.73 10.19
N ILE A 86 3.38 14.28 8.94
CA ILE A 86 4.72 14.08 8.38
C ILE A 86 5.35 15.42 8.05
N VAL A 87 4.58 16.28 7.41
CA VAL A 87 5.04 17.60 7.01
C VAL A 87 5.42 18.43 8.24
N GLU A 88 4.67 18.25 9.32
CA GLU A 88 4.95 18.92 10.59
C GLU A 88 6.28 18.42 11.16
N GLN A 89 6.51 17.11 11.12
CA GLN A 89 7.77 16.56 11.61
C GLN A 89 8.91 16.93 10.67
N GLN A 90 8.58 17.17 9.41
CA GLN A 90 9.56 17.69 8.47
C GLN A 90 9.92 19.12 8.84
N ARG A 91 8.98 20.05 8.58
CA ARG A 91 9.13 21.48 8.83
C ARG A 91 9.89 21.79 10.11
N GLN A 92 9.65 20.98 11.12
CA GLN A 92 10.41 21.04 12.34
C GLN A 92 11.84 20.57 12.07
N ASN A 93 12.00 19.26 11.83
CA ASN A 93 13.31 18.61 11.76
C ASN A 93 14.05 18.68 10.42
N SER A 94 15.19 19.37 10.41
CA SER A 94 15.97 19.63 9.21
C SER A 94 16.44 18.36 8.49
N ALA A 95 17.05 17.45 9.25
CA ALA A 95 17.64 16.24 8.68
C ALA A 95 16.66 15.44 7.85
N ARG A 96 15.46 15.24 8.40
CA ARG A 96 14.43 14.43 7.75
C ARG A 96 13.40 15.30 7.04
N ALA A 97 13.88 16.32 6.33
CA ALA A 97 13.03 17.25 5.61
C ALA A 97 12.44 16.67 4.33
N ASP A 98 13.07 15.62 3.81
CA ASP A 98 12.61 15.04 2.56
C ASP A 98 11.96 13.67 2.76
N MET A 99 11.79 13.25 4.01
CA MET A 99 11.15 11.97 4.30
C MET A 99 9.76 11.93 3.70
N GLY A 100 9.31 10.73 3.36
CA GLY A 100 8.07 10.61 2.64
C GLY A 100 7.65 9.17 2.73
N THR A 101 6.45 8.87 2.26
CA THR A 101 6.03 7.48 2.28
C THR A 101 4.86 7.28 1.36
N THR A 102 4.71 6.06 0.85
CA THR A 102 3.47 5.69 0.19
C THR A 102 2.47 5.28 1.25
N ALA A 103 1.22 5.15 0.83
CA ALA A 103 0.26 4.39 1.63
C ALA A 103 -0.76 3.74 0.72
N VAL A 104 -1.16 2.52 1.05
CA VAL A 104 -2.35 1.90 0.46
C VAL A 104 -3.22 1.51 1.63
N VAL A 105 -4.50 1.79 1.51
CA VAL A 105 -5.45 1.47 2.57
C VAL A 105 -6.66 0.77 1.97
N ILE A 106 -7.13 -0.26 2.65
CA ILE A 106 -8.44 -0.84 2.37
C ILE A 106 -9.35 -0.59 3.55
N LEU A 107 -10.49 0.04 3.30
CA LEU A 107 -11.57 0.18 4.29
C LEU A 107 -12.83 -0.58 3.84
N LEU A 108 -13.28 -1.53 4.66
CA LEU A 108 -14.42 -2.35 4.29
C LEU A 108 -15.69 -1.69 4.79
N ASP A 109 -16.78 -1.76 4.02
CA ASP A 109 -18.05 -1.30 4.54
CA ASP A 109 -18.09 -1.33 4.49
C ASP A 109 -18.49 -2.26 5.63
N GLU A 110 -19.41 -1.82 6.48
CA GLU A 110 -19.87 -2.64 7.59
C GLU A 110 -20.39 -4.01 7.13
N LYS A 111 -21.13 -4.04 6.03
CA LYS A 111 -21.64 -5.30 5.47
C LYS A 111 -20.52 -6.26 5.06
N GLY A 112 -19.42 -5.72 4.56
CA GLY A 112 -18.29 -6.53 4.14
C GLY A 112 -18.38 -7.03 2.71
N ASP A 113 -19.21 -6.39 1.91
CA ASP A 113 -19.35 -6.77 0.49
C ASP A 113 -18.71 -5.73 -0.43
N ARG A 114 -18.24 -4.63 0.18
CA ARG A 114 -17.68 -3.51 -0.55
C ARG A 114 -16.39 -3.02 0.13
N ALA A 115 -15.33 -2.83 -0.63
CA ALA A 115 -14.07 -2.33 -0.09
C ALA A 115 -13.63 -1.03 -0.75
N TRP A 116 -13.36 -0.01 0.06
CA TRP A 116 -12.87 1.26 -0.45
C TRP A 116 -11.33 1.25 -0.46
N CYS A 117 -10.77 1.45 -1.64
CA CYS A 117 -9.34 1.36 -1.85
C CYS A 117 -8.80 2.76 -2.01
N ALA A 118 -7.88 3.15 -1.15
CA ALA A 118 -7.30 4.50 -1.20
C ALA A 118 -5.79 4.36 -1.27
N HIS A 119 -5.14 5.19 -2.08
CA HIS A 119 -3.69 5.11 -2.07
C HIS A 119 -3.02 6.37 -2.57
N VAL A 120 -1.79 6.52 -2.11
CA VAL A 120 -0.87 7.53 -2.61
C VAL A 120 0.45 6.81 -2.82
N GLY A 121 0.97 6.81 -4.04
CA GLY A 121 2.26 6.21 -4.31
C GLY A 121 2.24 4.97 -5.19
N ASP A 122 3.22 4.08 -5.02
CA ASP A 122 3.37 2.93 -5.89
C ASP A 122 3.27 1.63 -5.15
N SER A 123 2.74 1.69 -3.92
CA SER A 123 2.31 0.46 -3.25
C SER A 123 0.98 0.12 -3.87
N ARG A 124 0.60 -1.15 -3.84
CA ARG A 124 -0.55 -1.55 -4.63
C ARG A 124 -1.64 -2.25 -3.86
N ILE A 125 -2.83 -2.23 -4.43
CA ILE A 125 -3.88 -3.14 -4.00
C ILE A 125 -4.26 -4.04 -5.19
N TYR A 126 -4.34 -5.34 -4.95
CA TYR A 126 -4.85 -6.29 -5.95
C TYR A 126 -6.10 -6.99 -5.44
N ARG A 127 -6.99 -7.37 -6.36
CA ARG A 127 -8.06 -8.29 -6.01
C ARG A 127 -7.91 -9.58 -6.82
N TRP A 128 -8.09 -10.70 -6.14
CA TRP A 128 -7.97 -12.02 -6.76
C TRP A 128 -9.32 -12.72 -6.66
N ARG A 129 -9.86 -13.13 -7.80
CA ARG A 129 -11.19 -13.73 -7.85
C ARG A 129 -11.23 -14.81 -8.91
N LYS A 130 -11.44 -16.06 -8.48
CA LYS A 130 -11.53 -17.20 -9.39
C LYS A 130 -10.36 -17.22 -10.37
N ASP A 131 -9.15 -17.38 -9.83
CA ASP A 131 -7.90 -17.40 -10.59
C ASP A 131 -7.63 -16.16 -11.47
N GLN A 132 -8.44 -15.12 -11.33
CA GLN A 132 -8.19 -13.87 -12.04
C GLN A 132 -7.67 -12.78 -11.08
N LEU A 133 -6.42 -12.35 -11.29
CA LEU A 133 -5.79 -11.29 -10.48
C LEU A 133 -5.90 -9.93 -11.14
N GLN A 134 -6.43 -8.95 -10.42
CA GLN A 134 -6.65 -7.61 -10.97
C GLN A 134 -6.03 -6.53 -10.10
N GLN A 135 -5.15 -5.72 -10.69
CA GLN A 135 -4.59 -4.59 -9.95
C GLN A 135 -5.63 -3.48 -9.87
N ILE A 136 -5.95 -3.04 -8.66
CA ILE A 136 -6.99 -2.06 -8.46
C ILE A 136 -6.46 -0.63 -8.58
N THR A 137 -5.31 -0.39 -7.96
CA THR A 137 -4.72 0.95 -7.88
C THR A 137 -3.82 1.22 -9.07
N SER A 138 -3.71 2.48 -9.47
CA SER A 138 -2.75 2.85 -10.53
C SER A 138 -1.56 3.58 -9.93
N ASP A 139 -0.35 3.07 -10.17
CA ASP A 139 0.88 3.60 -9.58
C ASP A 139 1.05 5.10 -9.82
N HIS A 140 1.30 5.85 -8.76
CA HIS A 140 1.67 7.25 -8.89
C HIS A 140 3.17 7.33 -9.13
N THR A 141 3.58 6.94 -10.34
CA THR A 141 4.93 7.15 -10.80
C THR A 141 4.90 7.87 -12.15
N TRP A 142 6.00 8.53 -12.49
CA TRP A 142 6.02 9.26 -13.75
C TRP A 142 5.89 8.30 -14.91
N ILE A 143 6.60 7.18 -14.85
CA ILE A 143 6.59 6.26 -15.98
C ILE A 143 5.28 5.52 -16.10
N ALA A 144 4.58 5.28 -14.99
CA ALA A 144 3.28 4.63 -15.09
C ALA A 144 2.32 5.56 -15.79
N GLN A 145 2.32 6.81 -15.36
CA GLN A 145 1.41 7.81 -15.86
C GLN A 145 1.75 8.15 -17.31
N ALA A 146 3.00 7.89 -17.69
CA ALA A 146 3.42 8.03 -19.08
C ALA A 146 2.78 6.95 -19.95
N VAL A 147 3.09 5.69 -19.65
CA VAL A 147 2.50 4.53 -20.33
C VAL A 147 0.99 4.68 -20.46
N GLN A 148 0.37 5.20 -19.42
CA GLN A 148 -1.07 5.38 -19.37
C GLN A 148 -1.55 6.39 -20.42
N LEU A 149 -0.67 7.30 -20.83
CA LEU A 149 -1.14 8.40 -21.66
C LEU A 149 -1.45 7.97 -23.13
N GLY A 150 -0.49 7.51 -23.96
CA GLY A 150 0.95 7.52 -23.76
C GLY A 150 1.54 8.76 -24.40
N SER A 151 2.68 8.65 -25.08
CA SER A 151 3.29 7.38 -25.43
C SER A 151 4.23 6.85 -24.36
N LEU A 152 5.41 6.43 -24.79
CA LEU A 152 6.31 5.62 -23.97
C LEU A 152 5.56 4.40 -23.46
N THR A 153 4.52 4.01 -24.18
CA THR A 153 3.66 2.90 -23.80
C THR A 153 4.29 1.56 -24.14
N ILE A 154 5.61 1.47 -23.93
CA ILE A 154 6.30 0.20 -23.90
C ILE A 154 6.36 -0.21 -22.44
N GLU A 155 6.06 -1.46 -22.15
CA GLU A 155 6.00 -1.87 -20.75
C GLU A 155 6.93 -3.04 -20.34
N GLN A 156 8.25 -2.93 -20.53
CA GLN A 156 8.94 -1.84 -21.23
C GLN A 156 9.19 -0.59 -20.39
N ALA A 157 8.28 -0.29 -19.47
CA ALA A 157 8.32 0.93 -18.69
C ALA A 157 9.62 1.03 -17.92
N ARG A 158 9.83 0.09 -17.00
CA ARG A 158 11.10 -0.02 -16.30
C ARG A 158 11.79 -1.31 -16.78
N GLN A 159 13.11 -1.28 -16.93
CA GLN A 159 13.96 -0.22 -16.41
C GLN A 159 14.18 0.99 -17.32
N HIS A 160 13.43 2.05 -17.07
CA HIS A 160 13.93 3.41 -17.28
C HIS A 160 14.51 3.77 -15.93
N PRO A 161 15.22 4.92 -15.84
CA PRO A 161 15.84 5.30 -14.56
C PRO A 161 14.82 5.34 -13.42
N TRP A 162 13.66 5.91 -13.73
CA TRP A 162 12.52 5.87 -12.83
C TRP A 162 11.32 5.43 -13.67
N ARG A 163 10.62 4.32 -13.43
CA ARG A 163 10.76 3.39 -12.29
C ARG A 163 10.64 4.04 -10.91
N HIS A 164 11.78 4.16 -10.22
CA HIS A 164 11.83 4.48 -8.78
C HIS A 164 11.17 5.80 -8.37
N VAL A 165 10.92 6.69 -9.31
CA VAL A 165 10.50 8.03 -8.93
C VAL A 165 8.98 8.17 -8.85
N LEU A 166 8.51 8.66 -7.71
CA LEU A 166 7.08 8.81 -7.45
C LEU A 166 6.54 10.14 -7.90
N SER A 167 5.32 10.15 -8.38
CA SER A 167 4.65 11.41 -8.70
C SER A 167 3.81 11.91 -7.52
N GLN A 168 3.56 11.04 -6.54
CA GLN A 168 2.80 11.41 -5.34
C GLN A 168 3.34 10.62 -4.17
N CYS A 169 3.40 11.24 -2.98
CA CYS A 169 3.71 10.52 -1.75
C CYS A 169 3.24 11.33 -0.53
N LEU A 170 3.02 10.65 0.59
CA LEU A 170 2.62 11.38 1.79
C LEU A 170 3.84 12.05 2.34
N GLY A 171 3.69 13.27 2.85
CA GLY A 171 4.84 14.03 3.29
C GLY A 171 5.16 15.17 2.33
N ARG A 172 4.14 15.64 1.61
CA ARG A 172 4.31 16.76 0.70
C ARG A 172 3.23 17.81 0.90
N GLU A 173 3.66 19.06 1.08
CA GLU A 173 2.72 20.16 1.25
C GLU A 173 1.86 20.28 0.00
N ASP A 174 2.44 19.88 -1.13
CA ASP A 174 1.73 19.88 -2.41
C ASP A 174 1.10 18.52 -2.69
N LEU A 175 0.17 18.11 -1.82
CA LEU A 175 -0.58 16.88 -2.01
C LEU A 175 -2.04 17.21 -2.26
N SER A 176 -2.52 16.85 -3.45
CA SER A 176 -3.92 17.03 -3.81
C SER A 176 -4.54 15.70 -4.24
N GLN A 177 -3.80 14.95 -5.05
CA GLN A 177 -4.31 13.66 -5.55
C GLN A 177 -4.24 12.54 -4.49
N ILE A 178 -5.41 12.11 -4.03
CA ILE A 178 -5.54 10.87 -3.28
C ILE A 178 -6.54 10.00 -4.04
N ASP A 179 -6.10 8.85 -4.54
CA ASP A 179 -6.97 7.99 -5.34
C ASP A 179 -7.84 7.17 -4.42
N ILE A 180 -9.16 7.23 -4.61
CA ILE A 180 -10.09 6.47 -3.79
C ILE A 180 -11.14 5.86 -4.69
N GLN A 181 -11.23 4.53 -4.70
CA GLN A 181 -12.25 3.86 -5.49
C GLN A 181 -12.82 2.65 -4.76
N PRO A 182 -14.13 2.42 -4.93
CA PRO A 182 -14.79 1.25 -4.34
C PRO A 182 -14.59 0.03 -5.21
N ILE A 183 -14.49 -1.15 -4.58
CA ILE A 183 -14.59 -2.38 -5.35
C ILE A 183 -15.55 -3.30 -4.62
N ASP A 184 -16.33 -4.04 -5.38
CA ASP A 184 -17.30 -4.97 -4.78
C ASP A 184 -16.63 -6.30 -4.53
N LEU A 185 -17.07 -7.00 -3.48
CA LEU A 185 -16.40 -8.21 -3.04
C LEU A 185 -17.30 -9.43 -3.14
N GLU A 186 -16.70 -10.58 -3.42
CA GLU A 186 -17.44 -11.83 -3.49
C GLU A 186 -16.74 -12.84 -2.61
N PRO A 187 -17.52 -13.73 -1.97
CA PRO A 187 -16.96 -14.84 -1.19
C PRO A 187 -15.86 -15.55 -1.95
N GLY A 188 -14.72 -15.77 -1.32
CA GLY A 188 -13.62 -16.42 -2.00
C GLY A 188 -12.60 -15.47 -2.64
N ASP A 189 -12.97 -14.21 -2.81
CA ASP A 189 -12.00 -13.18 -3.22
C ASP A 189 -10.84 -13.12 -2.26
N ARG A 190 -9.65 -12.81 -2.78
CA ARG A 190 -8.55 -12.39 -1.90
C ARG A 190 -8.21 -10.93 -2.19
N LEU A 191 -7.80 -10.21 -1.15
CA LEU A 191 -7.27 -8.86 -1.36
C LEU A 191 -5.80 -8.87 -0.97
N LEU A 192 -5.00 -8.13 -1.71
CA LEU A 192 -3.57 -8.05 -1.39
C LEU A 192 -3.21 -6.58 -1.31
N LEU A 193 -2.57 -6.16 -0.21
CA LEU A 193 -1.95 -4.85 -0.14
C LEU A 193 -0.46 -5.12 -0.13
N CYS A 194 0.32 -4.40 -0.92
CA CYS A 194 1.73 -4.74 -0.94
C CYS A 194 2.57 -3.52 -1.27
N SER A 195 3.79 -3.51 -0.77
CA SER A 195 4.76 -2.50 -1.19
C SER A 195 5.41 -2.99 -2.46
N ASP A 196 6.12 -2.10 -3.15
CA ASP A 196 6.71 -2.45 -4.43
C ASP A 196 7.91 -3.38 -4.31
N GLY A 197 8.36 -3.63 -3.07
CA GLY A 197 9.31 -4.68 -2.82
C GLY A 197 8.81 -6.04 -3.28
N LEU A 198 7.49 -6.21 -3.35
CA LEU A 198 6.92 -7.46 -3.81
C LEU A 198 6.93 -7.49 -5.34
N THR A 199 6.38 -6.44 -5.93
CA THR A 199 6.06 -6.44 -7.35
C THR A 199 7.26 -6.08 -8.22
N GLU A 200 8.37 -5.70 -7.59
CA GLU A 200 9.60 -5.53 -8.34
C GLU A 200 10.30 -6.87 -8.52
N GLU A 201 9.91 -7.85 -7.70
CA GLU A 201 10.53 -9.18 -7.74
C GLU A 201 9.62 -10.21 -8.37
N LEU A 202 8.32 -10.03 -8.19
CA LEU A 202 7.35 -11.05 -8.56
C LEU A 202 6.42 -10.50 -9.61
N THR A 203 6.29 -11.24 -10.71
CA THR A 203 5.32 -10.88 -11.73
C THR A 203 3.94 -11.09 -11.20
N ASP A 204 2.96 -10.45 -11.84
CA ASP A 204 1.56 -10.65 -11.50
C ASP A 204 1.18 -12.12 -11.61
N ASP A 205 1.78 -12.86 -12.54
CA ASP A 205 1.42 -14.26 -12.72
C ASP A 205 1.80 -15.09 -11.50
N VAL A 206 3.00 -14.84 -10.97
CA VAL A 206 3.51 -15.53 -9.79
C VAL A 206 2.70 -15.19 -8.53
N ILE A 207 2.47 -13.89 -8.31
CA ILE A 207 1.63 -13.42 -7.22
C ILE A 207 0.27 -14.11 -7.21
N SER A 208 -0.32 -14.27 -8.40
CA SER A 208 -1.65 -14.87 -8.51
C SER A 208 -1.66 -16.30 -7.99
N ILE A 209 -0.61 -17.04 -8.33
CA ILE A 209 -0.40 -18.40 -7.86
C ILE A 209 -0.44 -18.48 -6.34
N TYR A 210 0.43 -17.71 -5.70
CA TYR A 210 0.50 -17.66 -4.25
C TYR A 210 -0.79 -17.16 -3.59
N LEU A 211 -1.53 -16.29 -4.25
CA LEU A 211 -2.82 -15.85 -3.72
C LEU A 211 -3.92 -16.89 -3.89
N SER A 212 -3.59 -18.00 -4.55
CA SER A 212 -4.58 -19.04 -4.73
C SER A 212 -4.63 -19.98 -3.53
N GLU A 213 -3.59 -19.94 -2.69
CA GLU A 213 -3.58 -20.75 -1.48
C GLU A 213 -4.62 -20.26 -0.48
N PRO A 214 -5.64 -21.09 -0.20
CA PRO A 214 -6.70 -20.67 0.72
C PRO A 214 -6.16 -20.21 2.08
N ASN A 215 -5.06 -20.81 2.53
CA ASN A 215 -4.48 -20.43 3.82
C ASN A 215 -3.70 -19.13 3.76
N VAL A 216 -4.30 -18.01 4.20
CA VAL A 216 -3.68 -16.71 3.99
C VAL A 216 -2.36 -16.56 4.76
N GLN A 217 -2.19 -17.32 5.84
CA GLN A 217 -0.93 -17.30 6.58
C GLN A 217 0.20 -17.83 5.70
N LYS A 218 -0.08 -18.97 5.07
CA LYS A 218 0.89 -19.59 4.17
C LYS A 218 1.09 -18.72 2.93
N ALA A 219 0.00 -18.16 2.42
CA ALA A 219 0.05 -17.28 1.25
C ALA A 219 0.96 -16.08 1.50
N ALA A 220 0.77 -15.38 2.61
CA ALA A 220 1.61 -14.22 2.92
C ALA A 220 3.07 -14.61 3.05
N ALA A 221 3.34 -15.72 3.74
CA ALA A 221 4.71 -16.16 3.94
C ALA A 221 5.35 -16.58 2.61
N ALA A 222 4.55 -17.22 1.75
CA ALA A 222 5.00 -17.67 0.45
C ALA A 222 5.42 -16.50 -0.40
N LEU A 223 4.61 -15.46 -0.38
CA LEU A 223 4.87 -14.26 -1.17
C LEU A 223 6.18 -13.63 -0.77
N VAL A 224 6.37 -13.39 0.53
CA VAL A 224 7.61 -12.80 1.01
C VAL A 224 8.81 -13.69 0.69
N ASP A 225 8.66 -14.98 0.94
CA ASP A 225 9.74 -15.93 0.67
C ASP A 225 10.08 -15.94 -0.82
N ALA A 226 9.06 -15.93 -1.68
CA ALA A 226 9.31 -15.91 -3.12
C ALA A 226 10.02 -14.64 -3.55
N ALA A 227 9.63 -13.50 -2.97
CA ALA A 227 10.23 -12.23 -3.37
C ALA A 227 11.73 -12.20 -3.07
N LYS A 228 12.13 -12.89 -1.99
CA LYS A 228 13.54 -12.97 -1.62
C LYS A 228 14.30 -13.96 -2.51
N THR A 229 13.65 -15.07 -2.83
CA THR A 229 14.25 -16.05 -3.73
C THR A 229 14.60 -15.38 -5.05
N HIS A 230 13.69 -14.54 -5.52
CA HIS A 230 13.88 -13.86 -6.80
C HIS A 230 14.87 -12.70 -6.72
N GLY A 231 15.35 -12.39 -5.52
CA GLY A 231 16.34 -11.34 -5.42
C GLY A 231 16.26 -10.52 -4.13
N GLY A 232 15.04 -10.28 -3.67
CA GLY A 232 14.84 -9.50 -2.45
C GLY A 232 15.62 -8.20 -2.40
N ARG A 233 15.60 -7.45 -3.49
CA ARG A 233 16.43 -6.25 -3.56
C ARG A 233 15.87 -5.10 -2.71
N ASP A 234 14.66 -5.23 -2.21
CA ASP A 234 14.06 -4.16 -1.43
C ASP A 234 13.24 -4.72 -0.26
N ASN A 235 12.90 -3.84 0.70
CA ASN A 235 11.90 -4.15 1.72
C ASN A 235 10.63 -4.66 1.07
N VAL A 236 10.03 -5.68 1.66
CA VAL A 236 8.83 -6.22 1.08
C VAL A 236 7.79 -6.40 2.18
N THR A 237 6.58 -5.94 1.90
CA THR A 237 5.47 -6.04 2.85
C THR A 237 4.20 -6.49 2.17
N VAL A 238 3.46 -7.39 2.81
CA VAL A 238 2.21 -7.86 2.24
C VAL A 238 1.15 -7.98 3.32
N VAL A 239 -0.08 -7.65 2.95
CA VAL A 239 -1.24 -7.97 3.76
C VAL A 239 -2.21 -8.76 2.88
N VAL A 240 -2.54 -9.97 3.31
CA VAL A 240 -3.42 -10.81 2.51
C VAL A 240 -4.74 -11.00 3.25
N ILE A 241 -5.85 -10.71 2.56
CA ILE A 241 -7.21 -10.81 3.11
C ILE A 241 -8.02 -11.84 2.35
N SER A 242 -8.63 -12.79 3.05
CA SER A 242 -9.56 -13.71 2.41
C SER A 242 -10.98 -13.31 2.75
N VAL A 243 -11.77 -12.98 1.72
CA VAL A 243 -13.10 -12.41 1.93
C VAL A 243 -14.13 -13.46 2.31
CA CA B . 10.06 0.19 -1.65
CA CA C . 11.23 2.35 0.89
CA CA D . 9.07 1.78 -7.28
CA CA E . 14.95 -10.34 -9.17
#